data_5PHJ
#
_entry.id   5PHJ
#
_cell.length_a   71.730
_cell.length_b   71.730
_cell.length_c   150.648
_cell.angle_alpha   90.000
_cell.angle_beta   90.000
_cell.angle_gamma   90.000
#
_symmetry.space_group_name_H-M   'P 43 21 2'
#
loop_
_entity.id
_entity.type
_entity.pdbx_description
1 polymer 'Lysine-specific demethylase 4D'
2 non-polymer 'ZINC ION'
3 non-polymer 'NICKEL (II) ION'
4 non-polymer N-OXALYLGLYCINE
5 non-polymer 1,2-ETHANEDIOL
6 non-polymer 'SULFATE ION'
7 non-polymer 3-nitropyridin-2-ol
8 water water
#
_entity_poly.entity_id   1
_entity_poly.type   'polypeptide(L)'
_entity_poly.pdbx_seq_one_letter_code
;MHHHHHHSSGVDLGTENLYFQSMETMKSKANCAQNPNCNIMIFHPTKEEFNDFDKYIAYMESQGAHRAGLAKIIPPKEWK
ARETYDNISEILIATPLQQVASGRAGVFTQYHKKKKAMTVGEYRHLANSKKYQTPPHQNFEDLERKYWKNRIYNSPIYGA
DISGSLFDENTKQWNLGHLGTIQDLLEKECGVVIEGVNTPYLYFGMWKTTFAWHTEDMDLYSINYLHLGEPKTWYVVPPE
HGQRLERLARELFPGSSRGCGAFLRHKVALISPTVLKENGIPFNRITQEAGEFMVTFPYGYHAGFNHGFNCAEAINFATP
RWIDYGKMASQCSCGEARVTFSMDAFVRILQPERYDLWKRGQDR
;
_entity_poly.pdbx_strand_id   A
#
loop_
_chem_comp.id
_chem_comp.type
_chem_comp.name
_chem_comp.formula
8PJ non-polymer 3-nitropyridin-2-ol 'C5 H4 N2 O3'
EDO non-polymer 1,2-ETHANEDIOL 'C2 H6 O2'
NI non-polymer 'NICKEL (II) ION' 'Ni 2'
OGA non-polymer N-OXALYLGLYCINE 'C4 H5 N O5'
SO4 non-polymer 'SULFATE ION' 'O4 S -2'
ZN non-polymer 'ZINC ION' 'Zn 2'
#
# COMPACT_ATOMS: atom_id res chain seq x y z
N ALA A 33 -11.05 17.65 19.28
CA ALA A 33 -10.33 16.92 18.24
C ALA A 33 -11.27 16.23 17.26
N GLN A 34 -10.97 16.34 15.98
CA GLN A 34 -11.80 15.75 14.94
C GLN A 34 -11.58 14.26 14.83
N ASN A 35 -12.65 13.52 14.58
CA ASN A 35 -12.59 12.05 14.40
C ASN A 35 -11.86 11.32 15.54
N PRO A 36 -12.28 11.55 16.80
CA PRO A 36 -11.56 10.97 17.94
C PRO A 36 -11.59 9.44 17.98
N ASN A 37 -12.62 8.81 17.42
CA ASN A 37 -12.67 7.35 17.37
C ASN A 37 -11.85 6.75 16.23
N CYS A 38 -11.23 7.59 15.40
CA CYS A 38 -10.33 7.12 14.33
C CYS A 38 -11.05 6.27 13.29
N ASN A 39 -12.29 6.66 12.96
CA ASN A 39 -13.03 5.99 11.89
C ASN A 39 -12.49 6.30 10.50
N ILE A 40 -12.58 5.35 9.58
CA ILE A 40 -12.26 5.62 8.18
C ILE A 40 -13.32 6.56 7.59
N MET A 41 -12.87 7.69 7.07
CA MET A 41 -13.77 8.67 6.46
C MET A 41 -13.80 8.53 4.94
N ILE A 42 -14.94 8.87 4.35
CA ILE A 42 -15.16 8.80 2.91
C ILE A 42 -15.49 10.19 2.42
N PHE A 43 -14.80 10.64 1.37
CA PHE A 43 -14.94 11.99 0.85
C PHE A 43 -15.49 11.99 -0.57
N HIS A 44 -16.31 13.00 -0.85
CA HIS A 44 -16.90 13.21 -2.17
C HIS A 44 -16.58 14.60 -2.70
N PRO A 45 -15.33 14.85 -3.11
CA PRO A 45 -14.98 16.19 -3.61
C PRO A 45 -15.76 16.55 -4.87
N THR A 46 -16.10 17.83 -4.98
CA THR A 46 -16.65 18.37 -6.21
C THR A 46 -15.55 18.50 -7.25
N LYS A 47 -15.90 18.73 -8.50
CA LYS A 47 -14.88 18.90 -9.53
C LYS A 47 -13.98 20.11 -9.22
N GLU A 48 -14.55 21.16 -8.61
CA GLU A 48 -13.73 22.33 -8.24
C GLU A 48 -12.75 21.95 -7.12
N GLU A 49 -13.22 21.18 -6.14
CA GLU A 49 -12.36 20.74 -5.04
C GLU A 49 -11.28 19.75 -5.48
N PHE A 50 -11.46 19.14 -6.65
CA PHE A 50 -10.56 18.10 -7.16
C PHE A 50 -9.38 18.67 -7.95
N ASN A 51 -9.29 20.00 -8.04
CA ASN A 51 -8.22 20.61 -8.80
C ASN A 51 -6.88 20.61 -8.07
N ASP A 52 -6.91 20.97 -6.79
CA ASP A 52 -5.71 21.18 -6.00
C ASP A 52 -5.50 20.00 -5.04
N PHE A 53 -4.63 19.09 -5.42
CA PHE A 53 -4.40 17.87 -4.67
C PHE A 53 -3.95 18.14 -3.23
N ASP A 54 -2.87 18.93 -3.09
N ASP A 54 -2.90 18.96 -3.08
N ASP A 54 -2.89 18.94 -3.09
CA ASP A 54 -2.33 19.22 -1.77
CA ASP A 54 -2.34 19.19 -1.75
CA ASP A 54 -2.31 19.24 -1.78
C ASP A 54 -3.38 19.83 -0.84
C ASP A 54 -3.33 19.89 -0.82
C ASP A 54 -3.33 19.89 -0.83
N LYS A 55 -4.15 20.78 -1.37
CA LYS A 55 -5.18 21.45 -0.60
CA LYS A 55 -5.17 21.45 -0.58
C LYS A 55 -6.24 20.47 -0.09
N TYR A 56 -6.60 19.50 -0.93
CA TYR A 56 -7.64 18.57 -0.50
C TYR A 56 -7.12 17.59 0.55
N ILE A 57 -5.87 17.16 0.42
CA ILE A 57 -5.29 16.31 1.48
C ILE A 57 -5.32 17.08 2.80
N ALA A 58 -4.91 18.34 2.76
CA ALA A 58 -4.93 19.16 3.98
C ALA A 58 -6.36 19.31 4.52
N TYR A 59 -7.33 19.47 3.63
CA TYR A 59 -8.73 19.56 4.06
C TYR A 59 -9.16 18.26 4.77
N MET A 60 -8.85 17.11 4.19
N MET A 60 -8.86 17.10 4.19
CA MET A 60 -9.22 15.83 4.80
CA MET A 60 -9.24 15.84 4.81
C MET A 60 -8.64 15.71 6.21
C MET A 60 -8.65 15.74 6.22
N GLU A 61 -7.39 16.15 6.38
CA GLU A 61 -6.76 16.10 7.68
C GLU A 61 -7.41 17.10 8.66
N SER A 62 -7.87 18.25 8.16
CA SER A 62 -8.58 19.21 9.02
C SER A 62 -9.86 18.58 9.60
N GLN A 63 -10.38 17.56 8.93
CA GLN A 63 -11.58 16.86 9.40
C GLN A 63 -11.22 15.59 10.19
N GLY A 64 -9.94 15.36 10.42
CA GLY A 64 -9.50 14.22 11.21
C GLY A 64 -9.30 12.93 10.45
N ALA A 65 -9.28 12.98 9.12
CA ALA A 65 -9.23 11.74 8.34
C ALA A 65 -7.99 10.91 8.66
N HIS A 66 -6.86 11.57 8.88
CA HIS A 66 -5.61 10.86 9.11
C HIS A 66 -5.61 10.01 10.37
N ARG A 67 -6.49 10.32 11.33
CA ARG A 67 -6.50 9.55 12.57
C ARG A 67 -6.81 8.08 12.33
N ALA A 68 -7.55 7.77 11.26
CA ALA A 68 -7.86 6.38 10.92
C ALA A 68 -6.68 5.63 10.33
N GLY A 69 -5.78 6.35 9.67
CA GLY A 69 -4.71 5.72 8.89
C GLY A 69 -5.02 5.52 7.43
N LEU A 70 -6.30 5.66 7.06
CA LEU A 70 -6.79 5.34 5.72
C LEU A 70 -8.03 6.18 5.45
N ALA A 71 -8.18 6.73 4.24
CA ALA A 71 -9.41 7.41 3.82
C ALA A 71 -9.77 6.96 2.41
N LYS A 72 -11.07 7.02 2.09
CA LYS A 72 -11.55 6.79 0.73
C LYS A 72 -11.95 8.11 0.09
N ILE A 73 -11.60 8.28 -1.19
CA ILE A 73 -12.01 9.46 -1.93
C ILE A 73 -12.69 9.00 -3.22
N ILE A 74 -13.96 9.37 -3.33
CA ILE A 74 -14.75 9.06 -4.51
C ILE A 74 -14.69 10.28 -5.43
N PRO A 75 -14.13 10.11 -6.65
CA PRO A 75 -13.97 11.27 -7.54
C PRO A 75 -15.31 11.82 -8.00
N PRO A 76 -15.33 13.10 -8.38
CA PRO A 76 -16.57 13.67 -8.91
C PRO A 76 -17.00 12.96 -10.19
N LYS A 77 -18.30 12.97 -10.45
CA LYS A 77 -18.87 12.21 -11.55
C LYS A 77 -18.34 12.66 -12.91
N GLU A 78 -17.84 13.88 -13.00
CA GLU A 78 -17.33 14.43 -14.25
C GLU A 78 -15.91 13.94 -14.59
N TRP A 79 -15.26 13.26 -13.64
CA TRP A 79 -13.86 12.87 -13.78
C TRP A 79 -13.68 11.45 -14.32
N LYS A 80 -12.61 11.23 -15.06
CA LYS A 80 -12.20 9.87 -15.43
CA LYS A 80 -12.20 9.87 -15.39
C LYS A 80 -10.69 9.77 -15.52
N ALA A 81 -10.16 8.59 -15.22
CA ALA A 81 -8.72 8.37 -15.26
C ALA A 81 -8.19 8.28 -16.69
N ARG A 82 -8.97 7.62 -17.55
CA ARG A 82 -8.63 7.46 -18.96
C ARG A 82 -9.92 7.08 -19.68
N GLU A 83 -9.87 7.01 -21.01
CA GLU A 83 -11.07 6.75 -21.80
C GLU A 83 -11.59 5.34 -21.67
N THR A 84 -10.74 4.35 -21.91
CA THR A 84 -11.14 2.94 -21.76
C THR A 84 -9.96 2.08 -21.34
N TYR A 85 -10.27 0.87 -20.87
CA TYR A 85 -9.24 -0.10 -20.51
C TYR A 85 -9.21 -1.25 -21.51
N ASP A 86 -9.69 -1.02 -22.73
CA ASP A 86 -9.80 -2.07 -23.75
CA ASP A 86 -9.78 -2.14 -23.67
C ASP A 86 -8.44 -2.47 -24.34
N ASN A 87 -7.40 -1.68 -24.09
CA ASN A 87 -6.13 -1.94 -24.78
C ASN A 87 -4.92 -2.14 -23.84
N ILE A 88 -5.16 -2.78 -22.70
CA ILE A 88 -4.08 -2.97 -21.73
C ILE A 88 -3.51 -4.39 -21.71
N SER A 89 -3.97 -5.27 -22.60
CA SER A 89 -3.64 -6.69 -22.48
C SER A 89 -2.19 -7.02 -22.83
N GLU A 90 -1.50 -6.11 -23.50
CA GLU A 90 -0.12 -6.36 -23.92
C GLU A 90 0.93 -5.85 -22.94
N ILE A 91 0.50 -5.20 -21.87
CA ILE A 91 1.40 -4.90 -20.76
C ILE A 91 2.05 -6.20 -20.26
N LEU A 92 3.35 -6.17 -19.99
CA LEU A 92 4.04 -7.36 -19.50
C LEU A 92 4.18 -7.33 -17.99
N ILE A 93 3.84 -8.45 -17.36
CA ILE A 93 4.16 -8.72 -15.96
C ILE A 93 5.44 -9.57 -15.98
N ALA A 94 6.58 -8.91 -15.85
CA ALA A 94 7.87 -9.59 -16.04
C ALA A 94 8.12 -10.67 -15.00
N THR A 95 7.66 -10.43 -13.78
CA THR A 95 7.90 -11.36 -12.67
C THR A 95 6.66 -11.51 -11.81
N PRO A 96 5.69 -12.30 -12.28
CA PRO A 96 4.53 -12.60 -11.43
C PRO A 96 5.00 -13.32 -10.16
N LEU A 97 4.30 -13.09 -9.06
CA LEU A 97 4.71 -13.63 -7.77
C LEU A 97 3.64 -14.57 -7.20
N GLN A 98 4.02 -15.83 -6.99
CA GLN A 98 3.13 -16.79 -6.35
C GLN A 98 3.26 -16.67 -4.84
N GLN A 99 2.14 -16.39 -4.17
CA GLN A 99 2.16 -16.03 -2.75
C GLN A 99 1.86 -17.26 -1.89
N VAL A 100 2.91 -17.90 -1.40
CA VAL A 100 2.81 -19.18 -0.71
C VAL A 100 2.77 -18.95 0.81
N ALA A 101 1.72 -19.45 1.48
CA ALA A 101 1.53 -19.19 2.91
C ALA A 101 2.07 -20.29 3.81
N SER A 102 2.44 -19.90 5.03
CA SER A 102 2.82 -20.82 6.10
C SER A 102 2.25 -20.35 7.42
N GLY A 103 1.72 -21.26 8.22
CA GLY A 103 1.20 -20.90 9.53
C GLY A 103 -0.20 -21.42 9.76
N ARG A 104 -1.02 -20.59 10.36
N ARG A 104 -1.02 -20.65 10.43
CA ARG A 104 -2.41 -20.93 10.65
CA ARG A 104 -2.42 -21.00 10.63
C ARG A 104 -3.30 -20.00 9.85
C ARG A 104 -3.32 -19.96 9.97
N ALA A 105 -4.60 -20.26 9.84
CA ALA A 105 -5.52 -19.50 9.01
C ALA A 105 -5.53 -18.01 9.35
N GLY A 106 -5.44 -17.70 10.64
CA GLY A 106 -5.48 -16.30 11.07
C GLY A 106 -4.15 -15.66 11.39
N VAL A 107 -3.06 -16.43 11.36
CA VAL A 107 -1.72 -15.93 11.66
C VAL A 107 -0.74 -16.67 10.76
N PHE A 108 -0.28 -16.01 9.69
CA PHE A 108 0.57 -16.68 8.73
C PHE A 108 1.54 -15.70 8.08
N THR A 109 2.59 -16.26 7.49
CA THR A 109 3.46 -15.47 6.63
C THR A 109 3.27 -15.94 5.20
N GLN A 110 3.69 -15.11 4.25
CA GLN A 110 3.72 -15.53 2.85
C GLN A 110 5.06 -15.18 2.25
N TYR A 111 5.54 -16.08 1.39
CA TYR A 111 6.73 -15.75 0.62
C TYR A 111 6.36 -15.72 -0.86
N HIS A 112 7.17 -14.98 -1.60
CA HIS A 112 6.90 -14.72 -3.01
CA HIS A 112 6.90 -14.70 -3.00
C HIS A 112 7.81 -15.55 -3.90
N LYS A 113 7.22 -16.54 -4.55
CA LYS A 113 7.93 -17.40 -5.48
C LYS A 113 7.84 -16.81 -6.89
N LYS A 114 8.97 -16.54 -7.51
CA LYS A 114 8.97 -15.92 -8.83
C LYS A 114 8.49 -16.90 -9.92
N LYS A 115 7.62 -16.41 -10.80
CA LYS A 115 7.12 -17.20 -11.92
C LYS A 115 7.56 -16.60 -13.24
N LYS A 116 7.39 -17.34 -14.32
CA LYS A 116 7.74 -16.85 -15.64
C LYS A 116 6.84 -15.68 -16.09
N ALA A 117 7.39 -14.82 -16.93
CA ALA A 117 6.69 -13.64 -17.39
C ALA A 117 5.39 -13.98 -18.12
N MET A 118 4.41 -13.10 -18.02
N MET A 118 4.38 -13.14 -17.93
CA MET A 118 3.19 -13.23 -18.79
CA MET A 118 3.12 -13.22 -18.67
C MET A 118 2.57 -11.86 -19.01
C MET A 118 2.67 -11.81 -19.08
N THR A 119 1.82 -11.73 -20.09
CA THR A 119 1.12 -10.48 -20.37
C THR A 119 -0.10 -10.33 -19.45
N VAL A 120 -0.61 -9.10 -19.38
CA VAL A 120 -1.83 -8.86 -18.62
C VAL A 120 -3.00 -9.69 -19.19
N GLY A 121 -3.07 -9.86 -20.50
CA GLY A 121 -4.11 -10.71 -21.08
C GLY A 121 -4.03 -12.16 -20.61
N GLU A 122 -2.81 -12.69 -20.58
CA GLU A 122 -2.59 -14.05 -20.07
C GLU A 122 -2.91 -14.15 -18.58
N TYR A 123 -2.54 -13.12 -17.81
CA TYR A 123 -2.78 -13.07 -16.38
C TYR A 123 -4.28 -13.03 -16.08
N ARG A 124 -5.01 -12.23 -16.82
CA ARG A 124 -6.46 -12.15 -16.66
C ARG A 124 -7.11 -13.51 -16.92
N HIS A 125 -6.68 -14.18 -17.98
CA HIS A 125 -7.19 -15.52 -18.27
C HIS A 125 -6.90 -16.50 -17.12
N LEU A 126 -5.70 -16.41 -16.56
CA LEU A 126 -5.33 -17.25 -15.43
C LEU A 126 -6.20 -16.95 -14.21
N ALA A 127 -6.39 -15.67 -13.92
CA ALA A 127 -7.21 -15.23 -12.78
C ALA A 127 -8.63 -15.79 -12.87
N ASN A 128 -9.15 -15.87 -14.09
CA ASN A 128 -10.52 -16.30 -14.30
C ASN A 128 -10.67 -17.81 -14.46
N SER A 129 -9.56 -18.55 -14.42
CA SER A 129 -9.60 -20.00 -14.59
C SER A 129 -10.24 -20.65 -13.37
N LYS A 130 -10.68 -21.90 -13.51
CA LYS A 130 -11.33 -22.57 -12.38
C LYS A 130 -10.43 -22.65 -11.14
N LYS A 131 -9.12 -22.81 -11.34
CA LYS A 131 -8.19 -22.93 -10.23
C LYS A 131 -8.11 -21.65 -9.38
N TYR A 132 -8.23 -20.50 -10.02
CA TYR A 132 -7.95 -19.23 -9.35
C TYR A 132 -9.14 -18.28 -9.20
N GLN A 133 -10.26 -18.56 -9.87
N GLN A 133 -10.26 -18.57 -9.85
CA GLN A 133 -11.38 -17.62 -9.88
CA GLN A 133 -11.36 -17.62 -9.89
C GLN A 133 -12.05 -17.48 -8.51
C GLN A 133 -12.11 -17.51 -8.55
N THR A 134 -12.63 -16.32 -8.28
CA THR A 134 -13.44 -16.05 -7.11
C THR A 134 -14.58 -17.05 -6.97
N PRO A 135 -14.78 -17.60 -5.77
CA PRO A 135 -15.87 -18.55 -5.58
C PRO A 135 -17.22 -17.85 -5.54
N PRO A 136 -18.31 -18.60 -5.74
CA PRO A 136 -19.64 -18.03 -5.49
C PRO A 136 -19.74 -17.49 -4.08
N HIS A 137 -20.40 -16.36 -3.89
CA HIS A 137 -20.49 -15.72 -2.58
C HIS A 137 -21.71 -14.79 -2.54
N GLN A 138 -22.23 -14.53 -1.35
CA GLN A 138 -23.45 -13.74 -1.20
C GLN A 138 -23.23 -12.23 -1.24
N ASN A 139 -22.12 -11.80 -0.65
CA ASN A 139 -21.80 -10.38 -0.51
C ASN A 139 -20.34 -10.22 -0.09
N PHE A 140 -19.89 -8.99 0.16
CA PHE A 140 -18.50 -8.75 0.55
C PHE A 140 -18.15 -9.47 1.86
N GLU A 141 -19.09 -9.49 2.80
CA GLU A 141 -18.86 -10.09 4.12
C GLU A 141 -18.64 -11.61 4.02
N ASP A 142 -19.46 -12.25 3.18
CA ASP A 142 -19.32 -13.69 2.91
C ASP A 142 -17.97 -13.99 2.28
N LEU A 143 -17.57 -13.16 1.32
CA LEU A 143 -16.29 -13.38 0.68
C LEU A 143 -15.12 -13.17 1.67
N GLU A 144 -15.24 -12.17 2.56
CA GLU A 144 -14.25 -11.93 3.61
C GLU A 144 -14.08 -13.16 4.52
N ARG A 145 -15.19 -13.77 4.91
N ARG A 145 -15.21 -13.75 4.91
CA ARG A 145 -15.14 -14.98 5.72
CA ARG A 145 -15.21 -14.98 5.69
C ARG A 145 -14.42 -16.11 4.97
C ARG A 145 -14.45 -16.10 4.98
N LYS A 146 -14.75 -16.28 3.70
CA LYS A 146 -14.10 -17.29 2.89
C LYS A 146 -12.60 -17.03 2.74
N TYR A 147 -12.22 -15.77 2.58
CA TYR A 147 -10.80 -15.42 2.48
C TYR A 147 -10.05 -15.86 3.74
N TRP A 148 -10.52 -15.48 4.93
CA TRP A 148 -9.74 -15.79 6.12
C TRP A 148 -9.82 -17.26 6.48
N LYS A 149 -10.90 -17.94 6.10
CA LYS A 149 -11.00 -19.37 6.34
CA LYS A 149 -10.99 -19.38 6.35
C LYS A 149 -10.02 -20.17 5.47
N ASN A 150 -9.89 -19.78 4.22
CA ASN A 150 -9.25 -20.61 3.20
C ASN A 150 -7.98 -20.09 2.54
N ARG A 151 -7.58 -18.84 2.81
CA ARG A 151 -6.43 -18.24 2.12
C ARG A 151 -5.18 -19.12 2.17
N ILE A 152 -4.87 -19.70 3.32
CA ILE A 152 -3.56 -20.34 3.42
C ILE A 152 -3.46 -21.61 2.57
N TYR A 153 -4.61 -22.17 2.15
CA TYR A 153 -4.62 -23.43 1.42
C TYR A 153 -4.47 -23.24 -0.09
N ASN A 154 -4.26 -22.00 -0.52
CA ASN A 154 -4.06 -21.69 -1.94
C ASN A 154 -2.85 -20.77 -2.09
N SER A 155 -2.32 -20.70 -3.30
CA SER A 155 -1.20 -19.82 -3.58
C SER A 155 -1.46 -18.99 -4.83
N PRO A 156 -2.20 -17.88 -4.66
CA PRO A 156 -2.55 -17.02 -5.80
C PRO A 156 -1.31 -16.34 -6.36
N ILE A 157 -1.42 -15.85 -7.59
CA ILE A 157 -0.30 -15.21 -8.27
C ILE A 157 -0.63 -13.73 -8.44
N TYR A 158 0.30 -12.88 -8.00
N TYR A 158 0.26 -12.83 -8.06
CA TYR A 158 0.15 -11.41 -7.93
CA TYR A 158 -0.07 -11.43 -8.33
C TYR A 158 1.14 -10.74 -8.91
C TYR A 158 1.03 -10.66 -9.03
N GLY A 159 0.67 -9.72 -9.61
N GLY A 159 0.60 -9.92 -10.04
CA GLY A 159 1.55 -8.87 -10.40
CA GLY A 159 1.48 -9.06 -10.81
C GLY A 159 1.91 -7.62 -9.60
C GLY A 159 1.60 -7.73 -10.11
N ALA A 160 3.16 -7.51 -9.18
N ALA A 160 2.25 -7.73 -8.96
CA ALA A 160 3.49 -6.53 -8.14
CA ALA A 160 2.51 -6.51 -8.18
C ALA A 160 4.49 -5.47 -8.55
C ALA A 160 3.81 -5.81 -8.59
N ASP A 161 4.22 -4.24 -8.13
N ASP A 161 3.91 -4.53 -8.21
CA ASP A 161 5.13 -3.11 -8.29
CA ASP A 161 5.13 -3.74 -8.33
C ASP A 161 5.75 -3.07 -9.68
C ASP A 161 5.69 -3.61 -9.75
N ILE A 162 4.86 -3.10 -10.66
CA ILE A 162 5.24 -2.91 -12.06
C ILE A 162 5.32 -1.40 -12.32
N SER A 163 6.51 -0.89 -12.61
N SER A 163 6.51 -0.91 -12.65
CA SER A 163 6.64 0.54 -12.88
CA SER A 163 6.67 0.50 -12.94
C SER A 163 5.83 0.93 -14.11
C SER A 163 5.84 0.93 -14.15
N GLY A 164 4.97 1.93 -13.96
CA GLY A 164 4.13 2.40 -15.06
C GLY A 164 2.88 3.13 -14.58
N SER A 165 2.08 3.60 -15.53
CA SER A 165 0.85 4.34 -15.21
C SER A 165 -0.21 4.08 -16.25
N LEU A 166 -1.47 4.09 -15.82
CA LEU A 166 -2.61 3.96 -16.74
C LEU A 166 -3.43 5.23 -16.79
N PHE A 167 -2.97 6.30 -16.15
CA PHE A 167 -3.66 7.59 -16.29
C PHE A 167 -3.34 8.20 -17.64
N ASP A 168 -4.38 8.69 -18.32
CA ASP A 168 -4.20 9.45 -19.55
C ASP A 168 -3.39 10.71 -19.27
N GLU A 169 -2.45 11.05 -20.15
CA GLU A 169 -1.62 12.23 -19.91
C GLU A 169 -2.46 13.51 -19.85
N ASN A 170 -3.65 13.49 -20.46
CA ASN A 170 -4.53 14.64 -20.46
C ASN A 170 -5.42 14.73 -19.22
N THR A 171 -5.35 13.74 -18.34
CA THR A 171 -6.07 13.80 -17.08
C THR A 171 -5.31 14.69 -16.13
N LYS A 172 -5.88 15.84 -15.80
CA LYS A 172 -5.15 16.86 -15.05
C LYS A 172 -5.35 16.78 -13.55
N GLN A 173 -6.43 16.14 -13.11
CA GLN A 173 -6.74 16.05 -11.69
C GLN A 173 -6.43 14.66 -11.15
N TRP A 174 -5.72 14.60 -10.03
CA TRP A 174 -5.44 13.36 -9.30
C TRP A 174 -4.82 12.31 -10.23
N ASN A 175 -3.94 12.78 -11.10
CA ASN A 175 -3.15 11.91 -11.96
C ASN A 175 -1.91 11.46 -11.19
N LEU A 176 -1.85 10.18 -10.84
CA LEU A 176 -0.80 9.71 -9.93
C LEU A 176 0.60 9.73 -10.54
N GLY A 177 0.71 9.96 -11.85
CA GLY A 177 2.00 10.15 -12.49
C GLY A 177 2.42 11.61 -12.59
N HIS A 178 1.58 12.52 -12.09
CA HIS A 178 1.86 13.96 -12.16
C HIS A 178 1.86 14.66 -10.81
N LEU A 179 2.05 13.91 -9.73
CA LEU A 179 2.11 14.51 -8.39
C LEU A 179 3.45 15.19 -8.12
N GLY A 180 3.43 16.16 -7.20
CA GLY A 180 4.67 16.73 -6.71
C GLY A 180 5.53 15.66 -6.06
N THR A 181 6.85 15.71 -6.29
CA THR A 181 7.73 14.63 -5.84
C THR A 181 8.07 14.76 -4.36
N ILE A 182 8.41 13.65 -3.74
CA ILE A 182 8.84 13.66 -2.34
CA ILE A 182 8.80 13.71 -2.33
C ILE A 182 10.14 14.44 -2.19
N GLN A 183 11.01 14.33 -3.20
CA GLN A 183 12.28 15.05 -3.16
C GLN A 183 12.04 16.57 -3.18
N ASP A 184 11.08 17.02 -3.98
CA ASP A 184 10.78 18.45 -3.99
C ASP A 184 10.10 18.90 -2.69
N LEU A 185 9.30 18.03 -2.09
CA LEU A 185 8.70 18.35 -0.79
C LEU A 185 9.80 18.55 0.25
N LEU A 186 10.74 17.61 0.33
N LEU A 186 10.74 17.61 0.31
CA LEU A 186 11.83 17.73 1.30
CA LEU A 186 11.84 17.69 1.28
C LEU A 186 12.62 19.02 1.07
C LEU A 186 12.63 18.97 1.07
N GLU A 187 12.86 19.33 -0.19
CA GLU A 187 13.57 20.56 -0.52
C GLU A 187 12.80 21.80 -0.09
N LYS A 188 11.49 21.82 -0.35
CA LYS A 188 10.67 22.95 0.05
C LYS A 188 10.61 23.14 1.56
N GLU A 189 10.58 22.03 2.30
CA GLU A 189 10.41 22.09 3.75
C GLU A 189 11.71 22.33 4.50
N CYS A 190 12.78 21.72 4.01
N CYS A 190 12.81 21.70 4.07
CA CYS A 190 14.02 21.67 4.77
CA CYS A 190 14.03 21.83 4.86
C CYS A 190 15.19 22.35 4.06
C CYS A 190 15.20 22.44 4.09
N GLY A 191 14.98 22.79 2.82
CA GLY A 191 15.98 23.54 2.07
C GLY A 191 17.10 22.71 1.46
N VAL A 192 17.00 21.39 1.58
CA VAL A 192 18.03 20.48 1.08
CA VAL A 192 18.06 20.54 1.05
C VAL A 192 17.64 19.88 -0.27
N VAL A 193 18.53 19.97 -1.24
CA VAL A 193 18.29 19.36 -2.54
C VAL A 193 18.88 17.94 -2.54
N ILE A 194 18.10 16.97 -2.99
CA ILE A 194 18.57 15.59 -3.00
C ILE A 194 18.29 14.89 -4.33
N GLU A 195 19.08 13.86 -4.61
CA GLU A 195 18.85 12.98 -5.75
C GLU A 195 17.62 12.13 -5.50
N GLY A 196 17.13 11.51 -6.56
CA GLY A 196 16.06 10.54 -6.45
C GLY A 196 14.84 10.93 -7.24
N VAL A 197 14.05 9.93 -7.62
CA VAL A 197 12.80 10.12 -8.32
C VAL A 197 11.74 9.24 -7.66
N ASN A 198 10.51 9.39 -8.14
N ASN A 198 10.47 9.55 -7.86
CA ASN A 198 9.29 9.01 -7.43
CA ASN A 198 9.45 8.61 -7.49
C ASN A 198 8.16 8.71 -8.46
C ASN A 198 8.37 8.64 -8.52
N THR A 199 8.01 7.45 -8.93
CA THR A 199 7.06 7.17 -10.01
C THR A 199 6.05 6.08 -9.60
N PRO A 200 4.90 6.01 -10.27
CA PRO A 200 3.88 5.04 -9.83
C PRO A 200 4.17 3.58 -10.16
N TYR A 201 3.44 2.70 -9.49
N TYR A 201 3.49 2.70 -9.42
CA TYR A 201 3.51 1.27 -9.75
CA TYR A 201 3.47 1.25 -9.62
C TYR A 201 2.11 0.71 -9.98
C TYR A 201 2.08 0.81 -10.09
N LEU A 202 2.04 -0.26 -10.90
CA LEU A 202 0.82 -0.97 -11.20
C LEU A 202 0.79 -2.32 -10.48
N TYR A 203 -0.41 -2.74 -10.11
CA TYR A 203 -0.66 -3.99 -9.40
C TYR A 203 -1.80 -4.73 -10.07
N PHE A 204 -1.50 -5.89 -10.67
CA PHE A 204 -2.55 -6.73 -11.22
C PHE A 204 -2.83 -7.86 -10.25
N GLY A 205 -4.06 -7.95 -9.76
CA GLY A 205 -4.40 -8.92 -8.72
C GLY A 205 -5.41 -9.96 -9.17
N MET A 206 -5.59 -10.97 -8.34
CA MET A 206 -6.61 -12.00 -8.53
C MET A 206 -7.16 -12.38 -7.15
N TRP A 207 -8.19 -13.20 -7.12
CA TRP A 207 -8.76 -13.66 -5.85
C TRP A 207 -7.67 -14.16 -4.91
N LYS A 208 -7.74 -13.70 -3.66
CA LYS A 208 -6.87 -14.08 -2.54
C LYS A 208 -5.47 -13.47 -2.58
N THR A 209 -5.11 -12.75 -3.64
CA THR A 209 -3.88 -12.02 -3.65
CA THR A 209 -3.82 -12.05 -3.59
C THR A 209 -3.88 -11.05 -2.43
N THR A 210 -2.75 -10.97 -1.73
CA THR A 210 -2.68 -10.43 -0.38
C THR A 210 -1.58 -9.39 -0.24
N PHE A 211 -1.86 -8.28 0.45
CA PHE A 211 -0.79 -7.40 0.90
C PHE A 211 -0.70 -7.51 2.43
N ALA A 212 0.52 -7.83 2.87
CA ALA A 212 0.84 -8.03 4.28
C ALA A 212 0.81 -6.73 5.09
N TRP A 213 0.72 -6.86 6.41
CA TRP A 213 0.74 -5.70 7.31
C TRP A 213 2.01 -4.86 7.15
N HIS A 214 1.85 -3.57 6.89
CA HIS A 214 3.01 -2.71 6.69
C HIS A 214 2.62 -1.25 6.81
N THR A 215 3.61 -0.40 7.09
CA THR A 215 3.51 1.03 6.78
C THR A 215 4.39 1.28 5.54
N GLU A 216 4.29 2.47 4.97
CA GLU A 216 5.08 2.78 3.79
C GLU A 216 6.56 3.00 4.15
N ASP A 217 7.44 2.89 3.16
CA ASP A 217 8.81 3.35 3.32
C ASP A 217 8.69 4.78 3.82
N MET A 218 9.55 4.84 4.86
N MET A 218 9.56 4.91 4.86
CA MET A 218 9.91 6.02 5.62
CA MET A 218 9.88 6.13 5.60
C MET A 218 8.64 6.58 6.23
C MET A 218 8.64 6.60 6.32
N ASP A 219 7.71 5.67 6.56
CA ASP A 219 6.35 6.11 6.91
C ASP A 219 5.70 7.24 6.09
N LEU A 220 5.91 7.18 4.78
CA LEU A 220 5.29 8.09 3.81
C LEU A 220 3.78 7.86 3.71
N TYR A 221 3.08 8.79 3.05
CA TYR A 221 1.73 8.52 2.59
C TYR A 221 1.77 7.58 1.39
N SER A 222 0.63 6.93 1.11
CA SER A 222 0.43 6.35 -0.21
CA SER A 222 0.42 6.32 -0.19
C SER A 222 -0.95 6.72 -0.73
N ILE A 223 -1.08 6.70 -2.05
CA ILE A 223 -2.39 6.87 -2.68
C ILE A 223 -2.52 5.75 -3.71
N ASN A 224 -3.70 5.15 -3.74
CA ASN A 224 -3.99 3.95 -4.51
C ASN A 224 -5.30 4.14 -5.27
N TYR A 225 -5.26 4.02 -6.59
CA TYR A 225 -6.44 4.11 -7.43
C TYR A 225 -6.77 2.74 -8.01
N LEU A 226 -8.00 2.27 -7.82
CA LEU A 226 -8.40 0.99 -8.38
C LEU A 226 -8.98 1.25 -9.77
N HIS A 227 -8.16 1.00 -10.80
CA HIS A 227 -8.53 1.31 -12.18
C HIS A 227 -9.69 0.48 -12.71
N LEU A 228 -9.69 -0.81 -12.40
N LEU A 228 -9.68 -0.81 -12.41
CA LEU A 228 -10.48 -1.78 -13.15
CA LEU A 228 -10.64 -1.71 -13.03
C LEU A 228 -10.66 -3.09 -12.39
C LEU A 228 -10.76 -2.98 -12.22
N GLY A 229 -11.85 -3.69 -12.47
CA GLY A 229 -12.05 -5.02 -11.95
C GLY A 229 -12.69 -5.13 -10.60
N GLU A 230 -12.38 -6.24 -9.91
CA GLU A 230 -13.05 -6.59 -8.68
C GLU A 230 -12.45 -5.82 -7.48
N PRO A 231 -13.18 -5.78 -6.35
CA PRO A 231 -12.74 -4.93 -5.23
C PRO A 231 -11.47 -5.36 -4.52
N LYS A 232 -11.03 -4.45 -3.64
CA LYS A 232 -9.88 -4.65 -2.77
CA LYS A 232 -9.93 -4.72 -2.74
C LYS A 232 -10.36 -4.33 -1.34
N THR A 233 -10.23 -5.29 -0.40
CA THR A 233 -10.58 -5.03 1.00
C THR A 233 -9.33 -4.67 1.78
N TRP A 234 -9.45 -3.61 2.60
CA TRP A 234 -8.39 -3.03 3.40
C TRP A 234 -8.67 -3.17 4.89
N TYR A 235 -7.61 -3.42 5.66
CA TYR A 235 -7.62 -3.33 7.13
C TYR A 235 -6.57 -2.27 7.51
N VAL A 236 -6.85 -1.49 8.57
CA VAL A 236 -5.93 -0.42 8.94
C VAL A 236 -5.95 -0.17 10.45
N VAL A 237 -4.76 0.07 11.01
CA VAL A 237 -4.62 0.44 12.42
C VAL A 237 -4.35 1.95 12.51
N PRO A 238 -5.08 2.67 13.37
CA PRO A 238 -4.78 4.11 13.53
C PRO A 238 -3.30 4.37 13.83
N PRO A 239 -2.70 5.39 13.20
CA PRO A 239 -1.29 5.68 13.50
C PRO A 239 -0.98 5.82 14.99
N GLU A 240 -1.89 6.40 15.77
CA GLU A 240 -1.61 6.58 17.20
C GLU A 240 -1.55 5.25 17.95
N HIS A 241 -1.98 4.16 17.32
CA HIS A 241 -1.93 2.83 17.93
C HIS A 241 -1.04 1.83 17.21
N GLY A 242 -0.18 2.31 16.31
CA GLY A 242 0.66 1.41 15.55
C GLY A 242 1.54 0.52 16.39
N GLN A 243 2.04 1.03 17.51
CA GLN A 243 2.94 0.23 18.34
CA GLN A 243 2.93 0.24 18.36
C GLN A 243 2.21 -0.95 18.98
N ARG A 244 0.89 -0.86 19.15
CA ARG A 244 0.12 -2.00 19.66
C ARG A 244 0.16 -3.16 18.65
N LEU A 245 0.03 -2.83 17.37
CA LEU A 245 0.15 -3.86 16.34
C LEU A 245 1.56 -4.46 16.33
N GLU A 246 2.58 -3.60 16.45
CA GLU A 246 3.96 -4.08 16.47
C GLU A 246 4.20 -5.06 17.62
N ARG A 247 3.68 -4.72 18.80
CA ARG A 247 3.86 -5.60 19.96
C ARG A 247 3.20 -6.96 19.74
N LEU A 248 1.99 -6.97 19.19
CA LEU A 248 1.33 -8.25 18.91
C LEU A 248 2.11 -9.03 17.86
N ALA A 249 2.58 -8.36 16.81
CA ALA A 249 3.34 -9.04 15.78
C ALA A 249 4.60 -9.71 16.36
N ARG A 250 5.28 -9.05 17.29
N ARG A 250 5.29 -9.03 17.26
CA ARG A 250 6.47 -9.62 17.90
CA ARG A 250 6.46 -9.62 17.89
C ARG A 250 6.14 -10.87 18.72
C ARG A 250 6.10 -10.90 18.64
N GLU A 251 4.95 -10.88 19.31
CA GLU A 251 4.48 -12.06 20.05
C GLU A 251 4.11 -13.20 19.10
N LEU A 252 3.48 -12.86 17.97
CA LEU A 252 2.96 -13.89 17.07
C LEU A 252 3.99 -14.46 16.08
N PHE A 253 5.06 -13.70 15.84
CA PHE A 253 6.13 -14.12 14.92
C PHE A 253 7.47 -13.99 15.65
N PRO A 254 7.69 -14.83 16.69
CA PRO A 254 8.81 -14.58 17.59
C PRO A 254 10.20 -14.74 16.93
N GLY A 255 10.38 -15.75 16.08
CA GLY A 255 11.63 -15.90 15.37
C GLY A 255 11.94 -14.71 14.48
N SER A 256 10.93 -14.25 13.75
CA SER A 256 11.10 -13.10 12.86
C SER A 256 11.52 -11.86 13.63
N SER A 257 10.90 -11.67 14.79
CA SER A 257 11.20 -10.52 15.64
C SER A 257 12.64 -10.56 16.15
N ARG A 258 13.14 -11.75 16.51
CA ARG A 258 14.52 -11.87 16.96
C ARG A 258 15.50 -11.54 15.84
N GLY A 259 15.11 -11.85 14.60
CA GLY A 259 15.97 -11.62 13.45
C GLY A 259 16.07 -10.18 13.01
N CYS A 260 15.04 -9.39 13.32
CA CYS A 260 15.00 -8.00 12.87
C CYS A 260 14.06 -7.15 13.73
N GLY A 261 14.57 -6.02 14.21
CA GLY A 261 13.81 -5.12 15.05
C GLY A 261 12.71 -4.36 14.35
N ALA A 262 12.65 -4.49 13.03
CA ALA A 262 11.58 -3.88 12.23
C ALA A 262 11.08 -4.86 11.17
N PHE A 263 10.81 -6.11 11.55
CA PHE A 263 10.54 -7.15 10.56
C PHE A 263 9.24 -6.95 9.78
N LEU A 264 8.31 -6.11 10.26
CA LEU A 264 7.12 -5.87 9.46
C LEU A 264 7.49 -5.15 8.15
N ARG A 265 8.66 -4.50 8.12
CA ARG A 265 9.20 -3.90 6.89
C ARG A 265 9.45 -4.95 5.80
N HIS A 266 9.51 -6.23 6.19
CA HIS A 266 9.70 -7.30 5.20
C HIS A 266 8.43 -7.55 4.41
N LYS A 267 7.29 -7.08 4.94
CA LYS A 267 6.00 -7.18 4.28
C LYS A 267 5.63 -8.62 3.94
N VAL A 268 5.65 -9.49 4.96
CA VAL A 268 5.26 -10.88 4.78
C VAL A 268 4.29 -11.42 5.85
N ALA A 269 3.94 -10.62 6.86
CA ALA A 269 3.12 -11.12 7.97
C ALA A 269 1.64 -10.75 7.85
N LEU A 270 0.77 -11.74 8.08
CA LEU A 270 -0.68 -11.53 8.10
C LEU A 270 -1.25 -11.93 9.45
N ILE A 271 -2.20 -11.11 9.91
CA ILE A 271 -2.95 -11.34 11.14
C ILE A 271 -4.40 -10.99 10.82
N SER A 272 -5.33 -11.91 11.10
CA SER A 272 -6.73 -11.73 10.72
C SER A 272 -7.47 -10.74 11.62
N PRO A 273 -8.62 -10.22 11.14
CA PRO A 273 -9.40 -9.34 12.04
C PRO A 273 -9.87 -10.06 13.30
N THR A 274 -10.14 -11.36 13.22
CA THR A 274 -10.54 -12.10 14.42
C THR A 274 -9.42 -12.11 15.46
N VAL A 275 -8.19 -12.35 15.02
CA VAL A 275 -7.07 -12.38 15.94
C VAL A 275 -6.78 -10.97 16.49
N LEU A 276 -6.91 -9.94 15.65
CA LEU A 276 -6.75 -8.57 16.14
C LEU A 276 -7.79 -8.26 17.24
N LYS A 277 -9.05 -8.63 17.00
CA LYS A 277 -10.09 -8.39 18.00
CA LYS A 277 -10.09 -8.39 18.00
C LYS A 277 -9.81 -9.14 19.30
N GLU A 278 -9.39 -10.40 19.18
CA GLU A 278 -9.06 -11.22 20.34
C GLU A 278 -7.99 -10.57 21.22
N ASN A 279 -7.09 -9.82 20.58
CA ASN A 279 -5.98 -9.19 21.28
C ASN A 279 -6.20 -7.69 21.52
N GLY A 280 -7.41 -7.22 21.30
CA GLY A 280 -7.77 -5.84 21.60
C GLY A 280 -7.05 -4.79 20.76
N ILE A 281 -6.61 -5.15 19.56
CA ILE A 281 -5.93 -4.18 18.69
C ILE A 281 -6.95 -3.31 17.98
N PRO A 282 -6.85 -1.98 18.13
CA PRO A 282 -7.81 -1.12 17.40
C PRO A 282 -7.54 -1.15 15.89
N PHE A 283 -8.60 -1.37 15.11
CA PHE A 283 -8.46 -1.37 13.65
C PHE A 283 -9.81 -1.09 13.00
N ASN A 284 -9.77 -0.80 11.71
CA ASN A 284 -10.98 -0.66 10.91
C ASN A 284 -10.82 -1.38 9.58
N ARG A 285 -11.91 -1.55 8.86
CA ARG A 285 -11.87 -2.20 7.56
C ARG A 285 -12.78 -1.47 6.59
N ILE A 286 -12.48 -1.59 5.30
CA ILE A 286 -13.32 -0.99 4.26
C ILE A 286 -13.00 -1.67 2.93
N THR A 287 -13.96 -1.72 2.02
CA THR A 287 -13.73 -2.28 0.71
C THR A 287 -13.74 -1.16 -0.34
N GLN A 288 -12.66 -1.12 -1.12
CA GLN A 288 -12.46 -0.21 -2.24
C GLN A 288 -12.98 -0.83 -3.53
N GLU A 289 -13.75 -0.08 -4.32
CA GLU A 289 -14.26 -0.57 -5.59
C GLU A 289 -13.65 0.21 -6.75
N ALA A 290 -13.78 -0.32 -7.96
CA ALA A 290 -13.20 0.31 -9.14
C ALA A 290 -13.67 1.76 -9.26
N GLY A 291 -12.74 2.65 -9.58
CA GLY A 291 -13.04 4.06 -9.72
C GLY A 291 -12.84 4.88 -8.45
N GLU A 292 -12.35 4.24 -7.39
CA GLU A 292 -12.16 4.90 -6.10
C GLU A 292 -10.69 4.98 -5.70
N PHE A 293 -10.32 6.10 -5.06
CA PHE A 293 -9.00 6.29 -4.47
C PHE A 293 -9.01 5.92 -2.98
N MET A 294 -7.89 5.37 -2.50
CA MET A 294 -7.61 5.26 -1.07
C MET A 294 -6.31 6.01 -0.79
N VAL A 295 -6.26 6.70 0.35
CA VAL A 295 -5.02 7.30 0.82
C VAL A 295 -4.65 6.67 2.15
N THR A 296 -3.41 6.20 2.29
CA THR A 296 -2.90 5.81 3.59
C THR A 296 -2.04 6.95 4.13
N PHE A 297 -2.12 7.15 5.44
CA PHE A 297 -1.47 8.26 6.11
C PHE A 297 -0.22 7.77 6.84
N PRO A 298 0.72 8.69 7.12
CA PRO A 298 1.98 8.28 7.75
C PRO A 298 1.79 7.40 8.99
N TYR A 299 2.46 6.25 8.97
CA TYR A 299 2.49 5.29 10.07
C TYR A 299 1.12 4.63 10.28
N GLY A 300 0.29 4.60 9.24
CA GLY A 300 -0.94 3.84 9.27
C GLY A 300 -0.71 2.43 8.73
N TYR A 301 -0.58 1.45 9.63
CA TYR A 301 -0.42 0.06 9.22
C TYR A 301 -1.64 -0.41 8.43
N HIS A 302 -1.42 -1.09 7.31
CA HIS A 302 -2.52 -1.62 6.52
C HIS A 302 -2.15 -2.98 5.91
N ALA A 303 -3.19 -3.74 5.58
CA ALA A 303 -3.11 -5.08 4.99
C ALA A 303 -4.41 -5.29 4.24
N GLY A 304 -4.47 -6.29 3.36
CA GLY A 304 -5.71 -6.57 2.70
C GLY A 304 -5.61 -7.59 1.60
N PHE A 305 -6.68 -7.70 0.80
CA PHE A 305 -6.74 -8.73 -0.22
C PHE A 305 -7.62 -8.29 -1.38
N ASN A 306 -7.39 -8.90 -2.53
CA ASN A 306 -8.18 -8.66 -3.73
C ASN A 306 -9.29 -9.70 -3.90
N HIS A 307 -10.43 -9.25 -4.42
CA HIS A 307 -11.62 -10.09 -4.56
C HIS A 307 -11.60 -10.96 -5.82
N GLY A 308 -10.81 -10.57 -6.82
CA GLY A 308 -10.82 -11.18 -8.14
C GLY A 308 -9.89 -10.36 -9.02
N PHE A 309 -9.90 -10.62 -10.34
CA PHE A 309 -9.02 -9.90 -11.24
C PHE A 309 -9.24 -8.39 -11.13
N ASN A 310 -8.14 -7.66 -10.92
CA ASN A 310 -8.22 -6.21 -10.90
C ASN A 310 -6.88 -5.57 -11.22
N CYS A 311 -6.89 -4.26 -11.36
CA CYS A 311 -5.69 -3.48 -11.60
C CYS A 311 -5.75 -2.20 -10.80
N ALA A 312 -4.72 -1.96 -9.99
CA ALA A 312 -4.59 -0.76 -9.19
C ALA A 312 -3.28 -0.06 -9.52
N GLU A 313 -3.23 1.24 -9.26
CA GLU A 313 -2.02 2.04 -9.43
C GLU A 313 -1.78 2.78 -8.12
N ALA A 314 -0.53 2.80 -7.66
CA ALA A 314 -0.22 3.45 -6.39
C ALA A 314 1.12 4.15 -6.43
N ILE A 315 1.27 5.15 -5.57
CA ILE A 315 2.53 5.88 -5.44
C ILE A 315 2.61 6.45 -4.01
N ASN A 316 3.83 6.62 -3.52
CA ASN A 316 4.04 7.34 -2.27
C ASN A 316 4.10 8.83 -2.50
N PHE A 317 3.68 9.59 -1.48
CA PHE A 317 3.84 11.04 -1.52
C PHE A 317 4.05 11.56 -0.11
N ALA A 318 4.40 12.84 -0.03
CA ALA A 318 4.68 13.51 1.23
C ALA A 318 3.95 14.83 1.32
N THR A 319 3.79 15.32 2.55
CA THR A 319 3.27 16.64 2.87
C THR A 319 4.16 17.22 3.96
N PRO A 320 3.97 18.51 4.32
CA PRO A 320 4.78 19.02 5.44
C PRO A 320 4.61 18.20 6.74
N ARG A 321 3.41 17.68 7.00
CA ARG A 321 3.17 16.92 8.23
C ARG A 321 3.94 15.60 8.25
N TRP A 322 4.31 15.07 7.08
CA TRP A 322 5.08 13.82 7.02
C TRP A 322 6.48 13.93 7.62
N ILE A 323 7.10 15.12 7.54
CA ILE A 323 8.53 15.22 7.84
C ILE A 323 8.87 14.62 9.23
N ASP A 324 8.08 14.95 10.24
CA ASP A 324 8.32 14.40 11.58
C ASP A 324 8.21 12.87 11.62
N TYR A 325 7.29 12.31 10.85
CA TYR A 325 7.19 10.86 10.78
C TYR A 325 8.42 10.26 10.09
N GLY A 326 8.88 10.89 9.02
CA GLY A 326 10.09 10.43 8.34
C GLY A 326 11.29 10.37 9.27
N LYS A 327 11.41 11.39 10.13
CA LYS A 327 12.49 11.47 11.10
C LYS A 327 12.48 10.32 12.11
N MET A 328 11.29 9.80 12.39
CA MET A 328 11.11 8.82 13.45
C MET A 328 10.93 7.39 12.93
N ALA A 329 10.86 7.22 11.61
CA ALA A 329 10.53 5.92 11.03
C ALA A 329 11.54 4.85 11.39
N SER A 330 11.06 3.67 11.77
N SER A 330 11.04 3.69 11.78
CA SER A 330 11.93 2.54 12.11
CA SER A 330 11.88 2.52 12.00
C SER A 330 12.39 1.81 10.85
C SER A 330 12.55 2.12 10.70
N GLN A 331 13.65 1.39 10.82
CA GLN A 331 14.28 0.82 9.65
C GLN A 331 14.67 -0.63 9.82
N CYS A 332 14.56 -1.38 8.73
CA CYS A 332 15.16 -2.71 8.65
C CYS A 332 16.61 -2.57 8.22
N SER A 333 17.50 -3.18 8.99
CA SER A 333 18.92 -3.21 8.67
C SER A 333 19.44 -4.65 8.60
N CYS A 334 18.55 -5.63 8.72
CA CYS A 334 18.94 -7.04 8.66
C CYS A 334 19.21 -7.44 7.22
N GLY A 335 18.80 -6.59 6.29
CA GLY A 335 19.07 -6.82 4.87
C GLY A 335 17.88 -7.34 4.07
N GLU A 336 16.84 -7.80 4.77
CA GLU A 336 15.70 -8.40 4.09
C GLU A 336 14.87 -7.41 3.30
N ALA A 337 14.58 -6.25 3.90
CA ALA A 337 13.65 -5.28 3.32
C ALA A 337 14.00 -4.91 1.88
N ARG A 338 15.27 -4.55 1.64
CA ARG A 338 15.78 -4.26 0.30
C ARG A 338 14.95 -3.21 -0.45
N VAL A 339 15.44 -1.99 -0.51
CA VAL A 339 14.53 -0.91 -0.87
C VAL A 339 15.07 -0.01 -2.00
N THR A 340 14.19 0.84 -2.53
CA THR A 340 14.47 1.74 -3.64
C THR A 340 15.62 2.70 -3.38
N PHE A 341 16.36 3.10 -4.42
N PHE A 341 16.27 3.05 -4.49
CA PHE A 341 17.51 3.95 -4.13
CA PHE A 341 17.33 4.06 -4.60
C PHE A 341 17.09 5.39 -3.80
C PHE A 341 17.05 5.35 -3.85
N SER A 342 15.79 5.65 -3.90
N SER A 342 15.82 5.84 -3.96
CA SER A 342 15.26 6.95 -3.50
CA SER A 342 15.47 7.15 -3.40
C SER A 342 15.30 7.10 -1.99
C SER A 342 15.45 7.16 -1.88
N MET A 343 15.31 5.98 -1.27
CA MET A 343 15.23 6.01 0.18
CA MET A 343 15.26 5.90 0.18
C MET A 343 16.56 6.37 0.82
N ASP A 344 17.67 6.15 0.12
CA ASP A 344 18.99 6.50 0.65
C ASP A 344 19.02 7.93 1.15
N ALA A 345 18.60 8.86 0.31
CA ALA A 345 18.66 10.26 0.66
C ALA A 345 17.76 10.61 1.83
N PHE A 346 16.59 9.96 1.91
N PHE A 346 16.61 9.94 1.96
CA PHE A 346 15.66 10.20 3.01
CA PHE A 346 15.72 10.27 3.06
C PHE A 346 16.35 9.86 4.34
C PHE A 346 16.25 9.80 4.40
N VAL A 347 16.95 8.68 4.40
CA VAL A 347 17.62 8.23 5.63
C VAL A 347 18.84 9.12 5.90
N ARG A 348 19.61 9.42 4.85
CA ARG A 348 20.81 10.25 4.99
C ARG A 348 20.53 11.63 5.60
N ILE A 349 19.46 12.28 5.14
CA ILE A 349 19.14 13.62 5.61
C ILE A 349 18.31 13.59 6.90
N LEU A 350 17.30 12.74 6.97
CA LEU A 350 16.40 12.78 8.13
C LEU A 350 16.88 11.95 9.31
N GLN A 351 17.71 10.93 9.05
N GLN A 351 17.69 10.92 9.07
CA GLN A 351 18.18 10.02 10.09
CA GLN A 351 18.19 10.07 10.15
C GLN A 351 19.69 9.79 10.02
C GLN A 351 19.68 9.81 9.99
N PRO A 352 20.50 10.86 10.06
CA PRO A 352 21.94 10.70 9.86
C PRO A 352 22.60 9.72 10.84
N GLU A 353 22.14 9.63 12.08
CA GLU A 353 22.74 8.67 13.03
CA GLU A 353 22.77 8.67 13.00
C GLU A 353 22.56 7.24 12.53
N ARG A 354 21.39 6.94 11.98
CA ARG A 354 21.08 5.58 11.53
C ARG A 354 21.69 5.22 10.19
N TYR A 355 22.08 6.23 9.42
CA TYR A 355 22.44 6.04 8.01
C TYR A 355 23.51 4.96 7.74
N ASP A 356 24.63 5.00 8.46
CA ASP A 356 25.71 4.03 8.22
CA ASP A 356 25.71 4.03 8.23
C ASP A 356 25.27 2.59 8.44
N LEU A 357 24.60 2.33 9.57
CA LEU A 357 24.11 1.00 9.89
C LEU A 357 23.07 0.54 8.87
N TRP A 358 22.21 1.45 8.45
CA TRP A 358 21.17 1.13 7.49
C TRP A 358 21.77 0.77 6.13
N LYS A 359 22.73 1.57 5.66
CA LYS A 359 23.34 1.34 4.36
C LYS A 359 24.13 0.04 4.35
N ARG A 360 24.63 -0.36 5.52
CA ARG A 360 25.29 -1.66 5.65
C ARG A 360 24.31 -2.78 5.34
N GLY A 361 23.03 -2.54 5.63
CA GLY A 361 21.98 -3.51 5.37
C GLY A 361 21.64 -3.61 3.90
N GLN A 362 21.62 -2.47 3.21
CA GLN A 362 21.31 -2.43 1.78
C GLN A 362 22.43 -3.05 0.94
N ASP A 363 23.56 -3.35 1.59
CA ASP A 363 24.68 -4.01 0.93
C ASP A 363 24.97 -5.36 1.55
ZN ZN B . 14.83 -6.79 8.52
NI NI C . 0.95 0.29 1.33
C1 OGA D . -0.78 0.83 -0.87
C2 OGA D . -0.64 -0.62 -0.77
C4 OGA D . -0.86 -2.79 -1.81
C5 OGA D . -1.63 -3.50 -2.90
O1 OGA D . -0.23 1.51 0.02
O2 OGA D . -1.40 1.33 -1.83
O2' OGA D . -0.09 -1.12 0.21
O3 OGA D . -2.54 -2.88 -3.49
N1 OGA D . -1.11 -1.36 -1.77
O4 OGA D . -1.31 -4.68 -3.14
C1 EDO E . -1.97 16.69 -9.37
O1 EDO E . -2.53 17.97 -9.69
C2 EDO E . -1.71 15.90 -10.65
O2 EDO E . -2.95 15.54 -11.27
C1 EDO F . -13.94 -10.50 13.18
O1 EDO F . -13.82 -9.08 13.32
C2 EDO F . -14.80 -10.83 11.97
O2 EDO F . -14.14 -10.42 10.77
C1 EDO G . 8.36 -1.53 12.19
O1 EDO G . 8.58 -1.56 13.60
C2 EDO G . 8.30 -2.95 11.62
O2 EDO G . 8.18 -3.94 12.64
C1 EDO H . -4.94 -5.06 -25.76
O1 EDO H . -6.02 -5.17 -24.82
C2 EDO H . -5.23 -5.90 -27.00
O2 EDO H . -4.06 -6.60 -27.39
C1 EDO I . -15.08 -5.63 4.69
O1 EDO I . -14.94 -4.32 4.12
C2 EDO I . -16.20 -6.39 3.97
O2 EDO I . -16.50 -5.70 2.76
C1 EDO J . -12.82 6.85 -13.73
O1 EDO J . -14.17 6.97 -13.27
C2 EDO J . -12.80 6.08 -15.04
O2 EDO J . -11.45 5.96 -15.51
C1 EDO K . 4.51 -18.44 10.56
O1 EDO K . 5.28 -17.82 11.59
C2 EDO K . 5.42 -19.17 9.59
O2 EDO K . 6.35 -18.24 9.03
C1 EDO L . 2.55 2.34 -2.79
O1 EDO L . 2.14 0.96 -2.80
C2 EDO L . 3.70 2.52 -3.78
O2 EDO L . 4.82 1.76 -3.35
S SO4 M . -10.50 -13.94 -20.29
O1 SO4 M . -10.78 -14.48 -18.96
O2 SO4 M . -11.64 -14.18 -21.17
O3 SO4 M . -9.31 -14.58 -20.84
O4 SO4 M . -10.26 -12.50 -20.20
S SO4 N . -7.82 4.19 -24.46
O1 SO4 N . -9.11 3.62 -24.84
O2 SO4 N . -7.96 4.84 -23.15
O3 SO4 N . -6.82 3.13 -24.40
O4 SO4 N . -7.40 5.18 -25.44
S SO4 O . -17.16 -22.18 3.02
O1 SO4 O . -17.04 -22.59 4.42
O2 SO4 O . -17.97 -23.16 2.30
O3 SO4 O . -15.84 -22.11 2.41
O4 SO4 O . -17.80 -20.87 2.95
S SO4 P . -12.37 -20.41 -1.47
O1 SO4 P . -12.43 -19.41 -0.42
O2 SO4 P . -13.65 -21.07 -1.59
O3 SO4 P . -12.02 -19.78 -2.75
O4 SO4 P . -11.34 -21.40 -1.12
N1 8PJ Q . -13.98 23.38 2.87
C4 8PJ Q . -12.93 23.08 2.13
C5 8PJ Q . -15.13 22.70 2.74
C1 8PJ Q . -15.24 21.69 1.81
C2 8PJ Q . -14.16 21.37 1.03
C3 8PJ Q . -13.00 22.07 1.17
O1 8PJ Q . -11.77 23.79 2.28
N2 8PJ Q . -11.85 21.74 0.33
O2 8PJ Q . -11.95 20.88 -0.52
O3 8PJ Q . -10.79 22.34 0.47
#